data_2QFS
#
_entry.id   2QFS
#
_cell.length_a   57.752
_cell.length_b   85.480
_cell.length_c   87.951
_cell.angle_alpha   90.000
_cell.angle_beta   90.000
_cell.angle_gamma   90.000
#
_symmetry.space_group_name_H-M   'P 21 21 21'
#
loop_
_entity.id
_entity.type
_entity.pdbx_description
1 polymer '3-phosphoshikimate 1-carboxyvinyltransferase'
2 non-polymer SHIKIMATE-3-PHOSPHATE
3 non-polymer 'FORMIC ACID'
4 water water
#
_entity_poly.entity_id   1
_entity_poly.type   'polypeptide(L)'
_entity_poly.pdbx_seq_one_letter_code
;MESLTLQPIARVDGTINLPGSKSVSNRALLLAALAHGKTVLTNLLDSDDVRHMLNALTALGVSYTLSADRTRCEIIGNGG
PLHAEGALELFLGNAGTAMRSLAAALCLGSNDIVLTGEPRMKERPIGHLVDALRLGGAKITYLEQENYPPLRLQGGFTGG
NVDVDGSVSSQFLTALLMTAPLAPEDTVIRIKGDLVSKPYIDITLNLMKTFGVEIENQHYQQFVVKGGQSYQSPGTYLVE
GDASSASYFLAAAAIKGGTVKVTGIGRNSMQGDIRFADVLEKMGATICWGDDYISCTRGELNAIDMDMNHIPDAAMTIAT
AALFAKGTTTLRNIYNWRVKETDRLFAMATELRKVGAEVEEGHDYIRITPPEKLNFAEIATYNDHRMAMCFSLVALSDTP
VTILDPKCTAKTFPDYFEQLARISQAA
;
_entity_poly.pdbx_strand_id   A
#
loop_
_chem_comp.id
_chem_comp.type
_chem_comp.name
_chem_comp.formula
FMT non-polymer 'FORMIC ACID' 'C H2 O2'
S3P non-polymer SHIKIMATE-3-PHOSPHATE 'C7 H11 O8 P'
#
# COMPACT_ATOMS: atom_id res chain seq x y z
N MET A 1 -21.72 -14.27 -9.79
CA MET A 1 -21.05 -13.68 -8.60
C MET A 1 -21.53 -12.25 -8.40
N GLU A 2 -21.05 -11.59 -7.35
CA GLU A 2 -21.49 -10.22 -7.10
C GLU A 2 -20.95 -9.24 -8.12
N SER A 3 -21.72 -8.20 -8.38
CA SER A 3 -21.29 -7.17 -9.31
C SER A 3 -22.02 -5.87 -9.00
N LEU A 4 -21.47 -4.79 -9.51
CA LEU A 4 -22.04 -3.48 -9.35
C LEU A 4 -21.97 -2.79 -10.71
N THR A 5 -23.05 -2.15 -11.13
CA THR A 5 -23.01 -1.44 -12.40
C THR A 5 -23.05 0.06 -12.09
N LEU A 6 -22.09 0.78 -12.65
CA LEU A 6 -22.01 2.22 -12.44
C LEU A 6 -22.62 2.93 -13.64
N GLN A 7 -23.61 3.78 -13.41
CA GLN A 7 -24.17 4.52 -14.53
C GLN A 7 -23.23 5.68 -14.87
N PRO A 8 -23.35 6.23 -16.09
CA PRO A 8 -22.52 7.36 -16.52
C PRO A 8 -22.62 8.51 -15.52
N ILE A 9 -21.47 9.11 -15.23
CA ILE A 9 -21.35 10.22 -14.31
C ILE A 9 -21.08 11.47 -15.13
N ALA A 10 -22.01 12.42 -15.11
CA ALA A 10 -21.85 13.63 -15.92
C ALA A 10 -20.78 14.60 -15.47
N ARG A 11 -20.55 14.66 -14.17
CA ARG A 11 -19.59 15.61 -13.61
C ARG A 11 -19.23 15.19 -12.19
N VAL A 12 -18.02 15.49 -11.73
CA VAL A 12 -17.70 15.21 -10.33
C VAL A 12 -17.32 16.53 -9.70
N ASP A 13 -17.69 16.69 -8.43
CA ASP A 13 -17.36 17.90 -7.70
C ASP A 13 -17.66 17.67 -6.24
N GLY A 14 -16.80 18.17 -5.37
CA GLY A 14 -17.06 18.00 -3.95
C GLY A 14 -15.83 17.78 -3.11
N THR A 15 -16.06 17.31 -1.89
CA THR A 15 -15.00 17.07 -0.91
C THR A 15 -15.13 15.69 -0.31
N ILE A 16 -13.99 14.99 -0.21
CA ILE A 16 -13.94 13.68 0.38
C ILE A 16 -12.97 13.71 1.54
N ASN A 17 -13.42 13.23 2.69
CA ASN A 17 -12.56 13.13 3.87
C ASN A 17 -12.01 11.71 3.76
N LEU A 18 -10.72 11.61 3.45
CA LEU A 18 -10.09 10.33 3.21
C LEU A 18 -10.02 9.34 4.36
N PRO A 19 -10.07 8.05 4.00
CA PRO A 19 -9.98 7.00 5.01
C PRO A 19 -8.48 7.01 5.37
N GLY A 20 -8.11 6.39 6.48
CA GLY A 20 -6.71 6.39 6.86
C GLY A 20 -5.78 5.63 5.93
N SER A 21 -4.51 6.01 5.96
CA SER A 21 -3.49 5.36 5.14
C SER A 21 -3.23 3.93 5.59
N LYS A 22 -3.33 2.98 4.66
CA LYS A 22 -3.04 1.59 5.00
C LYS A 22 -1.57 1.42 5.38
N SER A 23 -0.69 2.08 4.63
CA SER A 23 0.76 1.97 4.89
C SER A 23 1.14 2.48 6.27
N VAL A 24 0.61 3.64 6.61
CA VAL A 24 0.89 4.21 7.93
C VAL A 24 0.22 3.40 9.03
N SER A 25 -1.02 2.98 8.79
CA SER A 25 -1.77 2.23 9.80
C SER A 25 -1.10 0.96 10.26
N ASN A 26 -0.64 0.13 9.32
CA ASN A 26 -0.03 -1.12 9.73
C ASN A 26 1.34 -0.96 10.37
N ARG A 27 2.11 0.04 9.94
CA ARG A 27 3.40 0.30 10.57
C ARG A 27 3.16 0.82 12.00
N ALA A 28 2.20 1.74 12.12
CA ALA A 28 1.92 2.34 13.44
C ALA A 28 1.41 1.29 14.41
N LEU A 29 0.59 0.37 13.93
CA LEU A 29 0.09 -0.67 14.84
C LEU A 29 1.19 -1.60 15.35
N LEU A 30 2.08 -2.03 14.45
CA LEU A 30 3.15 -2.93 14.85
C LEU A 30 4.10 -2.21 15.79
N LEU A 31 4.47 -0.98 15.45
CA LEU A 31 5.37 -0.24 16.33
C LEU A 31 4.72 0.03 17.69
N ALA A 32 3.43 0.38 17.71
CA ALA A 32 2.75 0.63 18.97
C ALA A 32 2.73 -0.64 19.84
N ALA A 33 2.58 -1.79 19.19
CA ALA A 33 2.56 -3.07 19.89
C ALA A 33 3.91 -3.40 20.51
N LEU A 34 4.99 -3.04 19.83
CA LEU A 34 6.35 -3.31 20.30
C LEU A 34 6.79 -2.28 21.34
N ALA A 35 6.23 -1.08 21.24
CA ALA A 35 6.62 0.02 22.13
C ALA A 35 6.22 -0.11 23.59
N HIS A 36 6.82 0.76 24.40
CA HIS A 36 6.49 0.86 25.82
C HIS A 36 5.49 1.99 25.93
N GLY A 37 4.44 1.78 26.71
CA GLY A 37 3.44 2.82 26.91
C GLY A 37 2.20 2.62 26.07
N LYS A 38 1.21 3.48 26.28
CA LYS A 38 -0.06 3.40 25.58
C LYS A 38 -0.08 4.36 24.41
N THR A 39 -0.41 3.86 23.23
CA THR A 39 -0.48 4.70 22.06
C THR A 39 -1.92 4.85 21.65
N VAL A 40 -2.33 6.07 21.34
CA VAL A 40 -3.71 6.29 20.86
C VAL A 40 -3.57 6.69 19.39
N LEU A 41 -4.04 5.83 18.49
CA LEU A 41 -4.01 6.12 17.06
C LEU A 41 -5.37 6.65 16.63
N THR A 42 -5.39 7.76 15.89
CA THR A 42 -6.65 8.30 15.40
C THR A 42 -6.56 8.30 13.87
N ASN A 43 -7.72 8.24 13.24
CA ASN A 43 -7.85 8.19 11.79
C ASN A 43 -7.25 6.90 11.24
N LEU A 44 -7.21 5.85 12.06
CA LEU A 44 -6.72 4.54 11.64
C LEU A 44 -7.66 4.01 10.56
N LEU A 45 -7.12 3.32 9.58
CA LEU A 45 -7.95 2.75 8.53
C LEU A 45 -8.64 1.47 9.00
N ASP A 46 -9.92 1.35 8.65
CA ASP A 46 -10.66 0.12 8.90
C ASP A 46 -10.77 -0.51 7.50
N SER A 47 -9.99 -1.56 7.27
CA SER A 47 -10.03 -2.28 5.97
C SER A 47 -9.48 -3.67 6.25
N ASP A 48 -9.57 -4.55 5.25
CA ASP A 48 -9.09 -5.92 5.47
C ASP A 48 -7.65 -5.98 5.91
N ASP A 49 -6.77 -5.22 5.24
CA ASP A 49 -5.35 -5.32 5.58
C ASP A 49 -5.05 -4.90 7.02
N VAL A 50 -5.79 -3.92 7.52
CA VAL A 50 -5.56 -3.47 8.90
C VAL A 50 -6.20 -4.47 9.87
N ARG A 51 -7.39 -4.95 9.51
CA ARG A 51 -8.05 -5.95 10.35
C ARG A 51 -7.15 -7.19 10.51
N HIS A 52 -6.44 -7.61 9.47
CA HIS A 52 -5.57 -8.77 9.65
C HIS A 52 -4.43 -8.49 10.63
N MET A 53 -3.88 -7.27 10.59
CA MET A 53 -2.82 -6.90 11.52
C MET A 53 -3.40 -6.87 12.95
N LEU A 54 -4.59 -6.28 13.11
CA LEU A 54 -5.23 -6.20 14.43
C LEU A 54 -5.49 -7.61 14.98
N ASN A 55 -5.95 -8.51 14.11
CA ASN A 55 -6.20 -9.88 14.55
C ASN A 55 -4.91 -10.58 14.96
N ALA A 56 -3.82 -10.29 14.25
CA ALA A 56 -2.54 -10.89 14.56
C ALA A 56 -2.06 -10.40 15.92
N LEU A 57 -2.22 -9.10 16.17
CA LEU A 57 -1.80 -8.57 17.47
C LEU A 57 -2.65 -9.20 18.57
N THR A 58 -3.96 -9.32 18.35
CA THR A 58 -4.82 -9.97 19.35
C THR A 58 -4.30 -11.40 19.62
N ALA A 59 -4.02 -12.15 18.56
CA ALA A 59 -3.54 -13.53 18.73
C ALA A 59 -2.20 -13.63 19.47
N LEU A 60 -1.38 -12.60 19.31
CA LEU A 60 -0.08 -12.56 19.97
C LEU A 60 -0.18 -12.05 21.41
N GLY A 61 -1.38 -11.73 21.86
CA GLY A 61 -1.55 -11.28 23.23
C GLY A 61 -1.55 -9.80 23.51
N VAL A 62 -1.50 -8.98 22.47
CA VAL A 62 -1.51 -7.54 22.65
C VAL A 62 -2.92 -7.05 23.00
N SER A 63 -3.02 -6.15 23.97
CA SER A 63 -4.32 -5.62 24.39
C SER A 63 -4.57 -4.25 23.76
N TYR A 64 -5.77 -4.05 23.20
CA TYR A 64 -6.13 -2.76 22.64
C TYR A 64 -7.63 -2.66 22.57
N THR A 65 -8.12 -1.44 22.34
CA THR A 65 -9.54 -1.22 22.20
C THR A 65 -9.75 -0.39 20.94
N LEU A 66 -10.92 -0.53 20.32
CA LEU A 66 -11.26 0.20 19.10
C LEU A 66 -12.55 0.95 19.31
N SER A 67 -12.65 2.13 18.73
CA SER A 67 -13.87 2.94 18.81
C SER A 67 -14.93 2.27 17.93
N ALA A 68 -16.16 2.78 18.00
CA ALA A 68 -17.25 2.20 17.22
C ALA A 68 -16.99 2.12 15.72
N ASP A 69 -16.32 3.12 15.16
CA ASP A 69 -16.07 3.09 13.73
C ASP A 69 -14.71 2.50 13.36
N ARG A 70 -14.03 1.97 14.37
CA ARG A 70 -12.74 1.31 14.27
C ARG A 70 -11.62 2.21 13.73
N THR A 71 -11.75 3.54 13.87
CA THR A 71 -10.69 4.44 13.40
C THR A 71 -9.88 5.00 14.57
N ARG A 72 -10.31 4.73 15.79
CA ARG A 72 -9.53 5.16 16.96
C ARG A 72 -9.10 3.89 17.68
N CYS A 73 -7.80 3.73 17.93
CA CYS A 73 -7.30 2.53 18.57
C CYS A 73 -6.39 2.87 19.73
N GLU A 74 -6.69 2.36 20.92
CA GLU A 74 -5.84 2.63 22.08
C GLU A 74 -5.09 1.32 22.34
N ILE A 75 -3.79 1.33 22.05
CA ILE A 75 -2.96 0.13 22.16
C ILE A 75 -2.08 0.09 23.39
N ILE A 76 -2.08 -1.02 24.12
CA ILE A 76 -1.21 -1.15 25.29
C ILE A 76 0.10 -1.78 24.80
N GLY A 77 1.16 -0.99 24.75
CA GLY A 77 2.43 -1.53 24.25
C GLY A 77 2.97 -2.71 25.05
N ASN A 78 3.54 -3.68 24.35
CA ASN A 78 4.13 -4.87 24.98
C ASN A 78 5.49 -4.56 25.60
N GLY A 79 6.09 -3.44 25.22
CA GLY A 79 7.40 -3.11 25.78
C GLY A 79 8.48 -4.08 25.36
N GLY A 80 8.43 -4.51 24.11
CA GLY A 80 9.44 -5.43 23.61
C GLY A 80 8.88 -6.36 22.56
N PRO A 81 9.71 -7.22 21.97
CA PRO A 81 9.32 -8.19 20.94
C PRO A 81 8.08 -9.00 21.35
N LEU A 82 7.24 -9.30 20.36
CA LEU A 82 6.02 -10.07 20.58
C LEU A 82 6.35 -11.57 20.54
N HIS A 83 5.58 -12.37 21.28
CA HIS A 83 5.87 -13.80 21.32
C HIS A 83 4.68 -14.73 21.36
N ALA A 84 4.88 -15.90 20.76
CA ALA A 84 3.90 -16.98 20.76
C ALA A 84 4.66 -18.27 20.39
N GLU A 85 4.12 -19.40 20.80
CA GLU A 85 4.73 -20.69 20.51
C GLU A 85 3.66 -21.63 19.98
N GLY A 86 4.02 -22.89 19.84
CA GLY A 86 3.07 -23.89 19.37
C GLY A 86 2.73 -23.75 17.89
N ALA A 87 3.63 -23.13 17.13
CA ALA A 87 3.40 -22.93 15.71
C ALA A 87 2.06 -22.23 15.51
N LEU A 88 1.78 -21.24 16.35
CA LEU A 88 0.54 -20.47 16.27
C LEU A 88 0.38 -19.92 14.86
N GLU A 89 -0.77 -20.15 14.26
CA GLU A 89 -0.95 -19.68 12.89
C GLU A 89 -1.61 -18.32 12.82
N LEU A 90 -0.95 -17.37 12.14
CA LEU A 90 -1.51 -16.04 11.96
C LEU A 90 -1.91 -15.94 10.49
N PHE A 91 -3.20 -15.72 10.26
CA PHE A 91 -3.72 -15.61 8.89
C PHE A 91 -3.70 -14.12 8.50
N LEU A 92 -2.96 -13.79 7.43
CA LEU A 92 -2.79 -12.40 7.05
C LEU A 92 -3.42 -11.95 5.73
N GLY A 93 -4.46 -12.67 5.28
CA GLY A 93 -5.13 -12.32 4.05
C GLY A 93 -4.17 -12.15 2.89
N ASN A 94 -4.20 -11.00 2.25
CA ASN A 94 -3.24 -10.75 1.16
C ASN A 94 -2.58 -9.42 1.49
N ALA A 95 -2.37 -9.21 2.78
CA ALA A 95 -1.76 -7.98 3.28
C ALA A 95 -0.23 -8.03 3.31
N GLY A 96 0.42 -7.51 2.28
CA GLY A 96 1.86 -7.51 2.26
C GLY A 96 2.48 -6.75 3.42
N THR A 97 1.89 -5.61 3.77
CA THR A 97 2.41 -4.80 4.85
C THR A 97 2.43 -5.55 6.18
N ALA A 98 1.52 -6.50 6.36
CA ALA A 98 1.51 -7.31 7.57
C ALA A 98 2.42 -8.54 7.42
N MET A 99 2.31 -9.26 6.29
CA MET A 99 3.13 -10.44 6.07
C MET A 99 4.61 -10.15 6.12
N ARG A 100 5.06 -9.15 5.37
CA ARG A 100 6.48 -8.87 5.35
C ARG A 100 6.95 -8.31 6.70
N SER A 101 6.25 -7.31 7.25
CA SER A 101 6.75 -6.76 8.53
C SER A 101 6.72 -7.73 9.70
N LEU A 102 5.68 -8.55 9.79
CA LEU A 102 5.62 -9.51 10.89
C LEU A 102 6.64 -10.63 10.66
N ALA A 103 6.91 -10.97 9.41
CA ALA A 103 7.87 -12.04 9.15
C ALA A 103 9.20 -11.67 9.76
N ALA A 104 9.57 -10.39 9.68
CA ALA A 104 10.83 -9.96 10.27
C ALA A 104 10.72 -9.76 11.79
N ALA A 105 9.69 -9.03 12.22
CA ALA A 105 9.58 -8.71 13.65
C ALA A 105 9.52 -9.93 14.56
N LEU A 106 8.80 -10.95 14.12
CA LEU A 106 8.65 -12.14 14.93
C LEU A 106 9.88 -13.05 14.95
N CYS A 107 10.97 -12.62 14.29
CA CYS A 107 12.24 -13.38 14.33
C CYS A 107 13.06 -12.95 15.57
N LEU A 108 12.60 -11.93 16.29
CA LEU A 108 13.33 -11.47 17.49
C LEU A 108 13.14 -12.45 18.65
N GLY A 109 14.25 -12.87 19.25
CA GLY A 109 14.18 -13.80 20.37
C GLY A 109 13.75 -15.18 19.92
N SER A 110 13.05 -15.90 20.78
CA SER A 110 12.58 -17.24 20.41
C SER A 110 11.10 -17.11 20.08
N ASN A 111 10.63 -18.01 19.24
CA ASN A 111 9.23 -18.05 18.84
C ASN A 111 8.99 -19.32 18.04
N ASP A 112 7.72 -19.60 17.81
CA ASP A 112 7.33 -20.71 16.95
C ASP A 112 5.97 -20.28 16.44
N ILE A 113 5.98 -19.56 15.32
CA ILE A 113 4.80 -18.99 14.71
C ILE A 113 4.77 -19.23 13.22
N VAL A 114 3.58 -19.48 12.70
CA VAL A 114 3.40 -19.69 11.28
C VAL A 114 2.61 -18.52 10.69
N LEU A 115 3.13 -17.95 9.59
CA LEU A 115 2.44 -16.86 8.89
C LEU A 115 1.92 -17.41 7.58
N THR A 116 0.62 -17.23 7.34
CA THR A 116 0.03 -17.68 6.09
C THR A 116 -1.00 -16.65 5.62
N GLY A 117 -1.71 -16.96 4.53
CA GLY A 117 -2.73 -16.04 4.05
C GLY A 117 -3.52 -16.68 2.94
N GLU A 118 -4.16 -15.84 2.16
CA GLU A 118 -4.98 -16.28 1.01
C GLU A 118 -4.10 -16.93 -0.05
N PRO A 119 -4.71 -17.71 -0.95
CA PRO A 119 -3.95 -18.37 -2.00
C PRO A 119 -2.96 -17.47 -2.74
N ARG A 120 -3.39 -16.28 -3.14
CA ARG A 120 -2.49 -15.37 -3.87
C ARG A 120 -1.28 -14.99 -3.03
N MET A 121 -1.47 -14.87 -1.71
CA MET A 121 -0.33 -14.49 -0.88
C MET A 121 0.74 -15.56 -0.89
N LYS A 122 0.36 -16.81 -1.15
CA LYS A 122 1.32 -17.90 -1.18
C LYS A 122 2.06 -17.89 -2.53
N GLU A 123 1.72 -16.92 -3.38
CA GLU A 123 2.36 -16.74 -4.68
C GLU A 123 3.06 -15.39 -4.77
N ARG A 124 3.14 -14.66 -3.66
CA ARG A 124 3.84 -13.36 -3.67
C ARG A 124 5.18 -13.62 -2.98
N PRO A 125 6.29 -13.29 -3.66
CA PRO A 125 7.65 -13.51 -3.14
C PRO A 125 8.03 -12.91 -1.81
N ILE A 126 8.82 -13.67 -1.06
CA ILE A 126 9.31 -13.19 0.22
C ILE A 126 10.74 -13.70 0.47
N GLY A 127 11.29 -14.42 -0.50
CA GLY A 127 12.65 -14.95 -0.37
C GLY A 127 13.73 -13.92 -0.09
N HIS A 128 13.63 -12.73 -0.68
CA HIS A 128 14.66 -11.72 -0.42
C HIS A 128 14.73 -11.35 1.05
N LEU A 129 13.56 -11.27 1.70
CA LEU A 129 13.48 -10.96 3.12
C LEU A 129 13.97 -12.14 3.97
N VAL A 130 13.54 -13.35 3.63
CA VAL A 130 13.98 -14.54 4.36
C VAL A 130 15.51 -14.65 4.29
N ASP A 131 16.08 -14.45 3.10
CA ASP A 131 17.54 -14.52 2.94
C ASP A 131 18.23 -13.55 3.90
N ALA A 132 17.74 -12.31 3.98
CA ALA A 132 18.33 -11.30 4.87
C ALA A 132 18.18 -11.69 6.33
N LEU A 133 16.98 -12.10 6.75
CA LEU A 133 16.74 -12.51 8.14
C LEU A 133 17.65 -13.66 8.56
N ARG A 134 17.86 -14.62 7.66
CA ARG A 134 18.74 -15.76 7.95
C ARG A 134 20.19 -15.29 8.12
N LEU A 135 20.63 -14.34 7.30
CA LEU A 135 22.00 -13.85 7.46
C LEU A 135 22.17 -13.22 8.85
N GLY A 136 21.09 -12.68 9.40
CA GLY A 136 21.12 -12.08 10.72
C GLY A 136 20.93 -13.07 11.85
N GLY A 137 20.74 -14.34 11.50
CA GLY A 137 20.57 -15.38 12.51
C GLY A 137 19.23 -16.08 12.64
N ALA A 138 18.21 -15.60 11.94
CA ALA A 138 16.90 -16.20 12.08
C ALA A 138 16.75 -17.59 11.49
N LYS A 139 15.89 -18.39 12.15
CA LYS A 139 15.57 -19.73 11.66
C LYS A 139 14.18 -19.58 11.03
N ILE A 140 14.10 -19.82 9.72
CA ILE A 140 12.83 -19.69 8.98
C ILE A 140 12.66 -20.88 8.05
N THR A 141 11.47 -21.46 8.05
CA THR A 141 11.17 -22.61 7.20
C THR A 141 10.04 -22.33 6.23
N TYR A 142 10.24 -22.64 4.94
CA TYR A 142 9.18 -22.50 3.96
C TYR A 142 8.34 -23.77 4.10
N LEU A 143 7.07 -23.62 4.42
CA LEU A 143 6.20 -24.80 4.60
C LEU A 143 5.61 -25.34 3.30
N GLU A 144 5.59 -24.51 2.25
CA GLU A 144 5.07 -24.94 0.96
C GLU A 144 6.14 -24.63 -0.09
N GLN A 145 5.89 -23.69 -1.00
CA GLN A 145 6.89 -23.38 -2.02
C GLN A 145 8.03 -22.52 -1.53
N GLU A 146 9.25 -22.92 -1.86
CA GLU A 146 10.45 -22.18 -1.50
C GLU A 146 10.31 -20.76 -2.05
N ASN A 147 10.67 -19.78 -1.21
CA ASN A 147 10.64 -18.34 -1.51
C ASN A 147 9.29 -17.65 -1.34
N TYR A 148 8.31 -18.37 -0.80
CA TYR A 148 6.97 -17.81 -0.61
C TYR A 148 6.35 -18.23 0.71
N PRO A 149 5.34 -17.46 1.18
CA PRO A 149 4.66 -17.85 2.43
C PRO A 149 3.93 -19.14 2.02
N PRO A 150 3.49 -19.96 2.98
CA PRO A 150 3.62 -19.75 4.42
C PRO A 150 5.00 -20.02 5.01
N LEU A 151 5.28 -19.34 6.12
CA LEU A 151 6.56 -19.44 6.79
C LEU A 151 6.40 -19.89 8.23
N ARG A 152 7.33 -20.71 8.71
CA ARG A 152 7.35 -21.09 10.11
C ARG A 152 8.58 -20.36 10.66
N LEU A 153 8.32 -19.46 11.60
CA LEU A 153 9.35 -18.61 12.20
C LEU A 153 9.75 -19.14 13.58
N GLN A 154 11.02 -19.49 13.74
CA GLN A 154 11.46 -19.99 15.03
C GLN A 154 12.48 -19.09 15.76
N GLY A 155 12.53 -17.83 15.33
CA GLY A 155 13.38 -16.84 16.00
C GLY A 155 14.87 -16.86 15.72
N GLY A 156 15.61 -16.09 16.50
CA GLY A 156 17.06 -16.08 16.33
C GLY A 156 17.72 -14.91 15.63
N PHE A 157 16.97 -13.90 15.23
CA PHE A 157 17.61 -12.77 14.57
C PHE A 157 18.35 -11.96 15.63
N THR A 158 19.68 -11.95 15.56
CA THR A 158 20.47 -11.21 16.54
C THR A 158 21.10 -9.93 15.99
N GLY A 159 21.15 -9.80 14.66
CA GLY A 159 21.76 -8.63 14.04
C GLY A 159 22.98 -8.99 13.20
N GLY A 160 23.91 -8.05 13.03
CA GLY A 160 25.09 -8.34 12.24
C GLY A 160 25.07 -7.73 10.85
N ASN A 161 25.88 -8.26 9.95
CA ASN A 161 25.92 -7.75 8.57
C ASN A 161 24.86 -8.50 7.77
N VAL A 162 23.88 -7.76 7.28
CA VAL A 162 22.78 -8.36 6.53
C VAL A 162 22.67 -7.75 5.13
N ASP A 163 22.66 -8.58 4.09
CA ASP A 163 22.48 -8.05 2.75
C ASP A 163 21.01 -8.26 2.44
N VAL A 164 20.43 -7.33 1.69
CA VAL A 164 19.05 -7.50 1.26
C VAL A 164 18.87 -6.96 -0.16
N ASP A 165 18.13 -7.72 -0.96
CA ASP A 165 17.84 -7.35 -2.34
C ASP A 165 16.68 -6.33 -2.28
N GLY A 166 16.85 -5.17 -2.88
CA GLY A 166 15.78 -4.18 -2.85
C GLY A 166 15.12 -3.97 -4.20
N SER A 167 15.39 -4.88 -5.14
CA SER A 167 14.91 -4.73 -6.51
C SER A 167 13.49 -5.18 -6.80
N VAL A 168 12.88 -5.97 -5.92
CA VAL A 168 11.51 -6.46 -6.14
C VAL A 168 10.49 -5.80 -5.22
N SER A 169 10.83 -5.65 -3.95
CA SER A 169 9.93 -4.98 -3.01
C SER A 169 10.66 -4.19 -1.95
N SER A 170 10.16 -2.99 -1.70
CA SER A 170 10.73 -2.18 -0.64
C SER A 170 10.24 -2.74 0.71
N GLN A 171 9.18 -3.56 0.69
CA GLN A 171 8.65 -4.09 1.94
C GLN A 171 9.61 -4.95 2.73
N PHE A 172 10.57 -5.54 2.04
CA PHE A 172 11.56 -6.37 2.71
C PHE A 172 12.49 -5.49 3.55
N LEU A 173 13.00 -4.40 2.96
CA LEU A 173 13.87 -3.48 3.69
C LEU A 173 13.06 -2.80 4.81
N THR A 174 11.82 -2.43 4.55
CA THR A 174 11.00 -1.85 5.60
C THR A 174 10.90 -2.79 6.80
N ALA A 175 10.67 -4.07 6.53
CA ALA A 175 10.53 -5.04 7.59
C ALA A 175 11.81 -5.12 8.42
N LEU A 176 12.95 -5.16 7.73
CA LEU A 176 14.24 -5.23 8.42
C LEU A 176 14.52 -3.98 9.25
N LEU A 177 14.22 -2.82 8.68
CA LEU A 177 14.45 -1.57 9.39
C LEU A 177 13.69 -1.48 10.71
N MET A 178 12.41 -1.89 10.72
CA MET A 178 11.65 -1.81 11.97
C MET A 178 12.06 -2.85 13.01
N THR A 179 12.60 -3.97 12.54
CA THR A 179 13.02 -5.05 13.43
C THR A 179 14.40 -4.88 14.04
N ALA A 180 15.36 -4.48 13.23
CA ALA A 180 16.75 -4.37 13.70
C ALA A 180 17.04 -3.60 14.98
N PRO A 181 16.37 -2.46 15.22
CA PRO A 181 16.66 -1.72 16.46
C PRO A 181 16.47 -2.53 17.74
N LEU A 182 15.58 -3.52 17.72
CA LEU A 182 15.30 -4.34 18.89
C LEU A 182 16.16 -5.59 19.03
N ALA A 183 17.02 -5.83 18.05
CA ALA A 183 17.93 -6.97 18.07
C ALA A 183 19.06 -6.61 19.04
N PRO A 184 19.62 -7.61 19.72
CA PRO A 184 20.71 -7.39 20.68
C PRO A 184 21.99 -6.77 20.12
N GLU A 185 22.36 -7.14 18.90
CA GLU A 185 23.57 -6.62 18.28
C GLU A 185 23.27 -5.57 17.22
N ASP A 186 24.25 -4.74 16.90
CA ASP A 186 24.11 -3.72 15.86
C ASP A 186 23.96 -4.44 14.52
N THR A 187 23.25 -3.80 13.59
CA THR A 187 23.01 -4.38 12.27
C THR A 187 23.40 -3.39 11.17
N VAL A 188 24.05 -3.89 10.14
CA VAL A 188 24.40 -3.07 8.98
C VAL A 188 23.65 -3.75 7.84
N ILE A 189 22.66 -3.05 7.29
CA ILE A 189 21.86 -3.58 6.17
C ILE A 189 22.40 -3.02 4.85
N ARG A 190 22.97 -3.90 4.02
CA ARG A 190 23.50 -3.46 2.72
C ARG A 190 22.53 -3.80 1.61
N ILE A 191 22.17 -2.82 0.78
CA ILE A 191 21.23 -3.05 -0.32
C ILE A 191 22.09 -3.63 -1.45
N LYS A 192 21.66 -4.76 -2.02
CA LYS A 192 22.46 -5.39 -3.06
C LYS A 192 22.69 -4.56 -4.31
N GLY A 193 21.60 -3.97 -4.80
CA GLY A 193 21.68 -3.15 -5.99
C GLY A 193 20.63 -2.07 -5.98
N ASP A 194 19.68 -2.17 -6.90
CA ASP A 194 18.61 -1.20 -7.05
C ASP A 194 17.60 -1.28 -5.90
N LEU A 195 16.95 -0.16 -5.62
CA LEU A 195 15.92 -0.12 -4.61
C LEU A 195 14.67 0.44 -5.27
N VAL A 196 13.59 -0.34 -5.29
CA VAL A 196 12.34 0.12 -5.88
C VAL A 196 11.42 0.64 -4.78
N SER A 197 10.40 1.38 -5.19
CA SER A 197 9.42 1.97 -4.29
C SER A 197 10.08 2.71 -3.13
N LYS A 198 11.13 3.46 -3.46
CA LYS A 198 11.89 4.17 -2.45
C LYS A 198 11.10 5.03 -1.45
N PRO A 199 10.06 5.74 -1.92
CA PRO A 199 9.31 6.58 -0.97
C PRO A 199 8.73 5.81 0.24
N TYR A 200 8.47 4.52 0.07
CA TYR A 200 7.93 3.76 1.19
C TYR A 200 8.96 3.56 2.29
N ILE A 201 10.24 3.63 1.94
CA ILE A 201 11.29 3.50 2.94
C ILE A 201 11.27 4.77 3.78
N ASP A 202 11.00 5.91 3.15
CA ASP A 202 10.92 7.17 3.87
C ASP A 202 9.73 7.12 4.86
N ILE A 203 8.63 6.48 4.46
CA ILE A 203 7.48 6.36 5.37
C ILE A 203 7.91 5.57 6.62
N THR A 204 8.61 4.45 6.40
CA THR A 204 9.07 3.60 7.50
C THR A 204 9.99 4.35 8.46
N LEU A 205 10.96 5.08 7.92
CA LEU A 205 11.88 5.82 8.77
C LEU A 205 11.18 6.91 9.55
N ASN A 206 10.15 7.50 8.94
CA ASN A 206 9.37 8.54 9.58
C ASN A 206 8.61 7.93 10.77
N LEU A 207 7.95 6.78 10.55
CA LEU A 207 7.24 6.14 11.65
C LEU A 207 8.16 5.69 12.79
N MET A 208 9.33 5.15 12.43
CA MET A 208 10.29 4.71 13.43
C MET A 208 10.72 5.89 14.29
N LYS A 209 10.99 7.03 13.65
CA LYS A 209 11.38 8.21 14.43
C LYS A 209 10.26 8.65 15.38
N THR A 210 9.02 8.59 14.92
CA THR A 210 7.90 8.95 15.76
C THR A 210 7.87 8.07 17.01
N PHE A 211 8.26 6.81 16.84
CA PHE A 211 8.28 5.85 17.94
C PHE A 211 9.63 5.79 18.66
N GLY A 212 10.40 6.87 18.49
CA GLY A 212 11.67 7.02 19.18
C GLY A 212 12.96 6.42 18.68
N VAL A 213 13.03 6.02 17.42
CA VAL A 213 14.24 5.41 16.89
C VAL A 213 14.70 5.98 15.57
N GLU A 214 15.99 6.26 15.48
CA GLU A 214 16.58 6.77 14.25
C GLU A 214 17.75 5.87 13.89
N ILE A 215 18.09 5.84 12.60
CA ILE A 215 19.19 5.03 12.13
C ILE A 215 20.03 5.81 11.16
N GLU A 216 21.18 5.28 10.76
CA GLU A 216 22.05 5.98 9.82
C GLU A 216 21.77 5.51 8.38
N ASN A 217 21.19 6.38 7.58
CA ASN A 217 20.88 6.08 6.19
C ASN A 217 22.03 6.59 5.30
N GLN A 218 22.80 5.67 4.72
CA GLN A 218 23.90 6.06 3.84
C GLN A 218 23.45 6.00 2.38
N HIS A 219 22.81 7.09 1.94
CA HIS A 219 22.30 7.24 0.58
C HIS A 219 21.51 6.05 0.04
N TYR A 220 20.71 5.45 0.91
CA TYR A 220 19.86 4.29 0.60
C TYR A 220 20.57 3.07 0.08
N GLN A 221 21.87 3.00 0.30
CA GLN A 221 22.62 1.84 -0.16
C GLN A 221 23.05 0.99 1.02
N GLN A 222 23.08 1.60 2.19
CA GLN A 222 23.45 0.91 3.42
C GLN A 222 22.78 1.62 4.59
N PHE A 223 22.25 0.83 5.52
CA PHE A 223 21.60 1.39 6.71
C PHE A 223 22.27 0.82 7.96
N VAL A 224 22.78 1.72 8.80
CA VAL A 224 23.45 1.31 10.03
C VAL A 224 22.51 1.49 11.21
N VAL A 225 22.24 0.38 11.88
CA VAL A 225 21.32 0.35 13.00
C VAL A 225 21.98 -0.07 14.31
N LYS A 226 21.72 0.68 15.37
CA LYS A 226 22.26 0.33 16.67
C LYS A 226 21.26 -0.62 17.32
N GLY A 227 21.76 -1.72 17.87
CA GLY A 227 20.86 -2.65 18.53
C GLY A 227 20.58 -2.23 19.97
N GLY A 228 19.75 -3.02 20.65
CA GLY A 228 19.41 -2.76 22.05
C GLY A 228 18.53 -1.57 22.34
N GLN A 229 17.81 -1.12 21.32
CA GLN A 229 16.93 0.02 21.47
C GLN A 229 15.53 -0.41 21.88
N SER A 230 14.69 0.58 22.17
CA SER A 230 13.31 0.32 22.57
C SER A 230 12.40 1.35 21.91
N TYR A 231 11.26 0.90 21.40
CA TYR A 231 10.31 1.85 20.83
C TYR A 231 9.50 2.44 22.00
N GLN A 232 9.10 3.70 21.87
CA GLN A 232 8.36 4.38 22.92
C GLN A 232 7.10 5.00 22.35
N SER A 233 5.98 4.87 23.07
CA SER A 233 4.72 5.45 22.61
C SER A 233 4.83 6.95 22.36
N PRO A 234 4.29 7.42 21.24
CA PRO A 234 4.34 8.87 20.94
C PRO A 234 3.13 9.57 21.57
N GLY A 235 2.31 8.85 22.33
CA GLY A 235 1.13 9.42 22.93
C GLY A 235 0.00 9.31 21.93
N THR A 236 -0.57 10.45 21.52
CA THR A 236 -1.63 10.44 20.52
C THR A 236 -0.99 10.66 19.18
N TYR A 237 -1.38 9.86 18.19
CA TYR A 237 -0.79 9.95 16.85
C TYR A 237 -1.89 9.95 15.81
N LEU A 238 -1.84 10.91 14.90
CA LEU A 238 -2.83 11.02 13.82
C LEU A 238 -2.31 10.37 12.55
N VAL A 239 -3.02 9.34 12.11
CA VAL A 239 -2.68 8.62 10.88
C VAL A 239 -3.12 9.47 9.70
N GLU A 240 -2.21 9.74 8.76
CA GLU A 240 -2.54 10.51 7.56
C GLU A 240 -3.65 9.83 6.74
N GLY A 241 -4.44 10.64 6.04
CA GLY A 241 -5.42 10.07 5.11
C GLY A 241 -4.64 9.33 4.03
N ASP A 242 -5.27 8.39 3.34
CA ASP A 242 -4.57 7.57 2.35
C ASP A 242 -4.41 8.25 0.98
N ALA A 243 -3.17 8.58 0.61
CA ALA A 243 -2.91 9.24 -0.65
C ALA A 243 -3.16 8.35 -1.86
N SER A 244 -3.06 7.03 -1.67
CA SER A 244 -3.32 6.11 -2.78
C SER A 244 -4.84 6.10 -3.01
N SER A 245 -5.63 6.01 -1.94
CA SER A 245 -7.09 6.07 -2.05
C SER A 245 -7.54 7.42 -2.64
N ALA A 246 -6.78 8.47 -2.37
CA ALA A 246 -7.12 9.79 -2.91
C ALA A 246 -6.98 9.88 -4.43
N SER A 247 -6.08 9.05 -4.99
CA SER A 247 -5.82 9.14 -6.43
C SER A 247 -7.05 9.03 -7.31
N TYR A 248 -7.98 8.16 -6.93
CA TYR A 248 -9.18 7.96 -7.74
C TYR A 248 -10.04 9.20 -7.85
N PHE A 249 -10.15 9.92 -6.73
CA PHE A 249 -10.98 11.11 -6.68
C PHE A 249 -10.33 12.32 -7.36
N LEU A 250 -9.02 12.48 -7.20
CA LEU A 250 -8.34 13.57 -7.88
C LEU A 250 -8.36 13.30 -9.39
N ALA A 251 -8.15 12.04 -9.80
CA ALA A 251 -8.19 11.69 -11.22
C ALA A 251 -9.60 11.92 -11.77
N ALA A 252 -10.62 11.60 -10.98
CA ALA A 252 -11.98 11.79 -11.46
C ALA A 252 -12.21 13.25 -11.83
N ALA A 253 -11.68 14.17 -11.03
CA ALA A 253 -11.83 15.60 -11.34
C ALA A 253 -11.01 15.98 -12.58
N ALA A 254 -9.82 15.39 -12.73
CA ALA A 254 -9.00 15.70 -13.90
C ALA A 254 -9.72 15.27 -15.17
N ILE A 255 -10.57 14.24 -15.06
CA ILE A 255 -11.31 13.72 -16.19
C ILE A 255 -12.68 14.39 -16.41
N LYS A 256 -13.41 14.61 -15.32
CA LYS A 256 -14.79 15.07 -15.40
C LYS A 256 -15.21 16.15 -14.43
N GLY A 257 -14.27 16.91 -13.89
CA GLY A 257 -14.63 17.96 -12.96
C GLY A 257 -14.98 19.26 -13.66
N GLY A 258 -15.34 20.30 -12.90
CA GLY A 258 -15.40 20.18 -11.46
C GLY A 258 -14.09 20.27 -10.69
N THR A 259 -14.23 20.43 -9.38
CA THR A 259 -13.10 20.48 -8.46
C THR A 259 -13.36 19.45 -7.36
N VAL A 260 -12.42 18.56 -7.13
CA VAL A 260 -12.59 17.59 -6.08
C VAL A 260 -11.45 17.81 -5.11
N LYS A 261 -11.83 17.97 -3.85
CA LYS A 261 -10.87 18.20 -2.76
C LYS A 261 -10.88 16.99 -1.85
N VAL A 262 -9.69 16.49 -1.49
CA VAL A 262 -9.57 15.36 -0.57
C VAL A 262 -8.91 15.93 0.67
N THR A 263 -9.41 15.59 1.83
CA THR A 263 -8.82 16.10 3.06
C THR A 263 -8.16 14.98 3.84
N GLY A 264 -7.20 15.32 4.69
CA GLY A 264 -6.51 14.29 5.43
C GLY A 264 -5.08 14.13 4.98
N ILE A 265 -4.73 14.76 3.86
CA ILE A 265 -3.36 14.77 3.33
C ILE A 265 -3.15 16.16 2.75
N GLY A 266 -1.90 16.57 2.68
CA GLY A 266 -1.58 17.89 2.16
C GLY A 266 -0.13 17.94 1.74
N ARG A 267 0.38 19.15 1.56
CA ARG A 267 1.75 19.31 1.09
C ARG A 267 2.83 18.72 1.96
N ASN A 268 2.54 18.55 3.25
CA ASN A 268 3.51 18.05 4.20
C ASN A 268 3.47 16.54 4.39
N SER A 269 2.57 15.85 3.69
CA SER A 269 2.44 14.40 3.84
C SER A 269 3.71 13.61 3.56
N MET A 270 3.86 12.51 4.30
CA MET A 270 5.02 11.66 4.14
C MET A 270 4.82 10.64 3.04
N GLN A 271 3.59 10.49 2.57
CA GLN A 271 3.34 9.48 1.53
C GLN A 271 3.80 9.87 0.15
N GLY A 272 4.52 8.96 -0.50
CA GLY A 272 4.99 9.24 -1.84
C GLY A 272 3.85 9.40 -2.84
N ASP A 273 2.69 8.80 -2.57
CA ASP A 273 1.63 8.94 -3.56
C ASP A 273 1.00 10.32 -3.69
N ILE A 274 1.37 11.27 -2.83
CA ILE A 274 0.83 12.61 -3.05
C ILE A 274 1.45 13.12 -4.38
N ARG A 275 2.55 12.52 -4.83
CA ARG A 275 3.18 12.95 -6.08
C ARG A 275 2.34 12.56 -7.31
N PHE A 276 1.27 11.81 -7.07
CA PHE A 276 0.35 11.45 -8.14
C PHE A 276 -0.28 12.76 -8.65
N ALA A 277 -0.48 13.72 -7.73
CA ALA A 277 -1.08 15.00 -8.13
C ALA A 277 -0.18 15.68 -9.16
N ASP A 278 1.13 15.54 -9.01
CA ASP A 278 2.10 16.13 -9.94
C ASP A 278 1.89 15.58 -11.35
N VAL A 279 1.55 14.29 -11.45
CA VAL A 279 1.34 13.66 -12.74
C VAL A 279 0.07 14.24 -13.38
N LEU A 280 -0.99 14.38 -12.60
CA LEU A 280 -2.21 14.98 -13.17
C LEU A 280 -1.93 16.39 -13.69
N GLU A 281 -1.11 17.13 -12.96
CA GLU A 281 -0.76 18.48 -13.37
C GLU A 281 -0.01 18.42 -14.71
N LYS A 282 0.90 17.46 -14.85
CA LYS A 282 1.65 17.31 -16.09
C LYS A 282 0.73 16.97 -17.26
N MET A 283 -0.35 16.25 -16.96
CA MET A 283 -1.33 15.87 -17.97
C MET A 283 -2.26 17.05 -18.35
N GLY A 284 -2.29 18.10 -17.54
CA GLY A 284 -3.14 19.24 -17.90
C GLY A 284 -4.17 19.65 -16.87
N ALA A 285 -4.18 18.98 -15.72
CA ALA A 285 -5.12 19.33 -14.67
C ALA A 285 -4.54 20.44 -13.77
N THR A 286 -5.40 21.11 -13.00
CA THR A 286 -4.95 22.14 -12.08
C THR A 286 -4.99 21.55 -10.67
N ILE A 287 -3.91 21.73 -9.90
CA ILE A 287 -3.82 21.20 -8.55
C ILE A 287 -3.65 22.33 -7.53
N CYS A 288 -4.36 22.21 -6.40
CA CYS A 288 -4.22 23.17 -5.32
C CYS A 288 -3.76 22.39 -4.09
N TRP A 289 -2.83 22.97 -3.35
CA TRP A 289 -2.29 22.34 -2.15
C TRP A 289 -2.61 23.12 -0.89
N GLY A 290 -2.91 22.39 0.18
CA GLY A 290 -3.19 23.03 1.45
C GLY A 290 -2.43 22.26 2.52
N ASP A 291 -2.58 22.68 3.76
CA ASP A 291 -1.92 21.99 4.85
C ASP A 291 -2.61 20.64 5.06
N ASP A 292 -3.93 20.59 4.90
CA ASP A 292 -4.65 19.34 5.09
C ASP A 292 -5.56 18.97 3.95
N TYR A 293 -5.24 19.44 2.76
CA TYR A 293 -6.02 19.04 1.58
C TYR A 293 -5.20 19.14 0.31
N ILE A 294 -5.69 18.44 -0.71
CA ILE A 294 -5.14 18.52 -2.05
C ILE A 294 -6.39 18.57 -2.89
N SER A 295 -6.43 19.44 -3.90
CA SER A 295 -7.61 19.46 -4.75
C SER A 295 -7.19 19.44 -6.21
N CYS A 296 -8.07 18.94 -7.05
CA CYS A 296 -7.81 18.88 -8.48
C CYS A 296 -9.00 19.47 -9.22
N THR A 297 -8.71 20.30 -10.22
CA THR A 297 -9.76 20.91 -11.01
C THR A 297 -9.50 20.58 -12.49
N ARG A 298 -10.56 20.19 -13.18
CA ARG A 298 -10.47 19.86 -14.59
C ARG A 298 -9.81 20.97 -15.41
N GLY A 299 -8.86 20.59 -16.25
CA GLY A 299 -8.23 21.53 -17.17
C GLY A 299 -8.34 20.78 -18.50
N GLU A 300 -7.27 20.10 -18.86
CA GLU A 300 -7.30 19.26 -20.05
C GLU A 300 -6.55 17.99 -19.68
N LEU A 301 -6.53 17.03 -20.59
CA LEU A 301 -5.86 15.79 -20.28
C LEU A 301 -5.11 15.26 -21.49
N ASN A 302 -3.78 15.32 -21.38
CA ASN A 302 -2.85 14.87 -22.40
C ASN A 302 -2.03 13.69 -21.91
N ALA A 303 -1.76 12.79 -22.83
CA ALA A 303 -0.97 11.60 -22.55
C ALA A 303 0.43 11.95 -22.06
N ILE A 304 0.99 11.07 -21.24
CA ILE A 304 2.36 11.25 -20.72
C ILE A 304 3.13 9.93 -20.87
N ASP A 305 4.46 10.04 -20.83
CA ASP A 305 5.36 8.89 -20.93
C ASP A 305 6.27 9.13 -19.73
N MET A 306 6.09 8.31 -18.70
CA MET A 306 6.81 8.51 -17.44
C MET A 306 7.21 7.25 -16.69
N ASP A 307 8.35 7.33 -16.01
CA ASP A 307 8.85 6.27 -15.13
C ASP A 307 7.98 6.44 -13.87
N MET A 308 7.24 5.40 -13.49
CA MET A 308 6.34 5.50 -12.34
C MET A 308 6.77 4.68 -11.14
N ASN A 309 8.06 4.36 -11.07
CA ASN A 309 8.57 3.52 -9.99
C ASN A 309 8.36 4.12 -8.60
N HIS A 310 8.27 5.44 -8.52
CA HIS A 310 8.10 6.13 -7.26
C HIS A 310 6.65 6.12 -6.74
N ILE A 311 5.69 5.77 -7.59
CA ILE A 311 4.27 5.74 -7.18
C ILE A 311 3.57 4.54 -7.86
N PRO A 312 4.07 3.31 -7.60
CA PRO A 312 3.48 2.14 -8.24
C PRO A 312 2.00 1.88 -8.08
N ASP A 313 1.46 2.20 -6.90
CA ASP A 313 0.04 1.97 -6.62
C ASP A 313 -0.82 3.04 -7.28
N ALA A 314 -0.58 4.30 -6.98
CA ALA A 314 -1.38 5.35 -7.61
C ALA A 314 -1.17 5.37 -9.13
N ALA A 315 -0.04 4.85 -9.62
CA ALA A 315 0.20 4.83 -11.06
C ALA A 315 -0.88 4.08 -11.84
N MET A 316 -1.47 3.06 -11.20
CA MET A 316 -2.52 2.28 -11.86
C MET A 316 -3.67 3.21 -12.24
N THR A 317 -3.92 4.23 -11.41
CA THR A 317 -4.99 5.17 -11.69
C THR A 317 -4.73 5.94 -13.00
N ILE A 318 -3.47 6.19 -13.31
CA ILE A 318 -3.17 6.86 -14.56
C ILE A 318 -3.49 5.93 -15.74
N ALA A 319 -3.35 4.61 -15.56
CA ALA A 319 -3.67 3.71 -16.66
C ALA A 319 -5.15 3.80 -17.12
N THR A 320 -6.11 3.96 -16.21
CA THR A 320 -7.48 4.11 -16.69
C THR A 320 -7.78 5.59 -17.03
N ALA A 321 -7.14 6.53 -16.34
CA ALA A 321 -7.32 7.94 -16.69
C ALA A 321 -6.83 8.16 -18.14
N ALA A 322 -5.84 7.37 -18.56
CA ALA A 322 -5.29 7.47 -19.91
C ALA A 322 -6.37 7.22 -20.97
N LEU A 323 -7.44 6.53 -20.60
CA LEU A 323 -8.52 6.28 -21.55
C LEU A 323 -9.14 7.61 -22.01
N PHE A 324 -9.02 8.65 -21.19
CA PHE A 324 -9.61 9.95 -21.47
C PHE A 324 -8.62 11.00 -21.95
N ALA A 325 -7.35 10.61 -22.10
CA ALA A 325 -6.32 11.55 -22.49
C ALA A 325 -6.10 11.59 -23.98
N LYS A 326 -5.50 12.69 -24.43
CA LYS A 326 -5.19 12.83 -25.85
C LYS A 326 -3.81 12.24 -26.12
N GLY A 327 -3.76 11.20 -26.94
CA GLY A 327 -2.48 10.60 -27.24
C GLY A 327 -2.26 9.28 -26.52
N THR A 328 -1.11 8.69 -26.74
CA THR A 328 -0.74 7.41 -26.16
C THR A 328 0.09 7.57 -24.88
N THR A 329 -0.38 6.97 -23.79
CA THR A 329 0.28 7.04 -22.50
C THR A 329 1.15 5.82 -22.27
N THR A 330 2.35 6.04 -21.73
CA THR A 330 3.26 4.93 -21.41
C THR A 330 3.71 5.06 -19.96
N LEU A 331 3.54 4.00 -19.18
CA LEU A 331 3.95 3.99 -17.77
C LEU A 331 5.10 2.98 -17.72
N ARG A 332 6.27 3.44 -17.28
CA ARG A 332 7.46 2.59 -17.27
C ARG A 332 8.04 2.30 -15.89
N ASN A 333 8.88 1.27 -15.84
CA ASN A 333 9.60 0.86 -14.66
C ASN A 333 8.66 0.45 -13.54
N ILE A 334 7.69 -0.38 -13.91
CA ILE A 334 6.70 -0.90 -12.97
C ILE A 334 6.62 -2.42 -12.98
N TYR A 335 7.77 -3.07 -13.13
CA TYR A 335 7.80 -4.52 -13.12
C TYR A 335 7.05 -5.15 -11.94
N ASN A 336 7.25 -4.62 -10.73
CA ASN A 336 6.64 -5.27 -9.57
C ASN A 336 5.12 -5.26 -9.46
N TRP A 337 4.49 -4.58 -10.42
CA TRP A 337 3.02 -4.67 -10.54
C TRP A 337 2.71 -6.19 -10.68
N ARG A 338 3.64 -6.95 -11.27
CA ARG A 338 3.41 -8.38 -11.49
C ARG A 338 3.36 -9.26 -10.24
N VAL A 339 3.91 -8.77 -9.13
CA VAL A 339 3.99 -9.59 -7.93
C VAL A 339 3.19 -9.06 -6.74
N LYS A 340 2.16 -8.29 -7.06
CA LYS A 340 1.31 -7.69 -6.04
C LYS A 340 -0.04 -8.39 -5.86
N GLU A 341 -1.12 -7.66 -5.56
CA GLU A 341 -2.43 -8.29 -5.33
C GLU A 341 -2.81 -9.27 -6.44
N THR A 342 -2.39 -8.95 -7.66
CA THR A 342 -2.54 -9.83 -8.81
C THR A 342 -1.39 -9.41 -9.72
N ASP A 343 -1.24 -10.04 -10.87
CA ASP A 343 -0.20 -9.53 -11.78
C ASP A 343 -0.97 -8.36 -12.43
N ARG A 344 -0.63 -7.14 -11.97
CA ARG A 344 -1.33 -5.94 -12.43
C ARG A 344 -1.03 -5.53 -13.86
N LEU A 345 0.11 -5.92 -14.41
CA LEU A 345 0.36 -5.57 -15.81
C LEU A 345 -0.55 -6.43 -16.70
N PHE A 346 -0.64 -7.72 -16.40
CA PHE A 346 -1.53 -8.57 -17.19
C PHE A 346 -2.99 -8.14 -16.98
N ALA A 347 -3.38 -7.92 -15.73
CA ALA A 347 -4.77 -7.57 -15.46
C ALA A 347 -5.18 -6.22 -16.05
N MET A 348 -4.36 -5.20 -15.87
CA MET A 348 -4.69 -3.89 -16.42
C MET A 348 -4.77 -3.94 -17.95
N ALA A 349 -3.82 -4.58 -18.59
CA ALA A 349 -3.86 -4.64 -20.05
C ALA A 349 -5.11 -5.38 -20.55
N THR A 350 -5.42 -6.51 -19.90
CA THR A 350 -6.58 -7.32 -20.28
C THR A 350 -7.89 -6.56 -20.13
N GLU A 351 -8.07 -5.90 -18.98
CA GLU A 351 -9.34 -5.18 -18.80
C GLU A 351 -9.44 -3.89 -19.63
N LEU A 352 -8.32 -3.20 -19.82
CA LEU A 352 -8.35 -1.98 -20.63
C LEU A 352 -8.78 -2.31 -22.07
N ARG A 353 -8.33 -3.43 -22.60
CA ARG A 353 -8.70 -3.78 -23.97
C ARG A 353 -10.20 -4.04 -24.07
N LYS A 354 -10.79 -4.50 -22.99
CA LYS A 354 -12.22 -4.81 -23.00
C LYS A 354 -13.12 -3.59 -23.23
N VAL A 355 -12.65 -2.42 -22.83
CA VAL A 355 -13.42 -1.20 -23.04
C VAL A 355 -13.00 -0.45 -24.33
N GLY A 356 -12.12 -1.05 -25.12
CA GLY A 356 -11.74 -0.47 -26.40
C GLY A 356 -10.31 -0.02 -26.65
N ALA A 357 -9.51 0.05 -25.61
CA ALA A 357 -8.14 0.53 -25.77
C ALA A 357 -7.24 -0.47 -26.50
N GLU A 358 -6.23 0.07 -27.19
CA GLU A 358 -5.21 -0.74 -27.83
C GLU A 358 -4.11 -0.66 -26.76
N VAL A 359 -3.63 -1.82 -26.31
CA VAL A 359 -2.66 -1.85 -25.23
C VAL A 359 -1.48 -2.77 -25.48
N GLU A 360 -0.28 -2.26 -25.20
CA GLU A 360 0.91 -3.10 -25.27
C GLU A 360 1.28 -3.41 -23.84
N GLU A 361 1.26 -4.70 -23.50
CA GLU A 361 1.64 -5.15 -22.17
C GLU A 361 3.14 -5.45 -22.25
N GLY A 362 3.96 -4.49 -21.85
CA GLY A 362 5.40 -4.69 -21.86
C GLY A 362 5.81 -5.52 -20.65
N HIS A 363 7.05 -5.99 -20.66
CA HIS A 363 7.48 -6.77 -19.52
C HIS A 363 7.42 -5.98 -18.20
N ASP A 364 7.79 -4.71 -18.27
CA ASP A 364 7.81 -3.86 -17.08
C ASP A 364 7.25 -2.46 -17.35
N TYR A 365 6.38 -2.38 -18.35
CA TYR A 365 5.72 -1.13 -18.73
C TYR A 365 4.40 -1.44 -19.41
N ILE A 366 3.58 -0.41 -19.59
CA ILE A 366 2.31 -0.58 -20.28
C ILE A 366 2.10 0.65 -21.15
N ARG A 367 1.68 0.43 -22.40
CA ARG A 367 1.44 1.51 -23.35
C ARG A 367 -0.04 1.44 -23.73
N ILE A 368 -0.73 2.56 -23.56
CA ILE A 368 -2.17 2.63 -23.77
C ILE A 368 -2.60 3.66 -24.80
N THR A 369 -3.29 3.20 -25.83
CA THR A 369 -3.82 4.10 -26.87
C THR A 369 -5.33 4.04 -26.73
N PRO A 370 -5.93 5.15 -26.27
CA PRO A 370 -7.38 5.18 -26.07
C PRO A 370 -8.22 5.07 -27.33
N PRO A 371 -9.43 4.52 -27.20
CA PRO A 371 -10.30 4.39 -28.38
C PRO A 371 -10.99 5.73 -28.60
N GLU A 372 -11.61 5.92 -29.75
CA GLU A 372 -12.32 7.17 -30.03
C GLU A 372 -13.46 7.27 -29.02
N LYS A 373 -14.06 6.12 -28.69
CA LYS A 373 -15.10 6.09 -27.69
C LYS A 373 -15.07 4.74 -26.97
N LEU A 374 -15.38 4.77 -25.68
CA LEU A 374 -15.39 3.57 -24.86
C LEU A 374 -16.64 2.75 -25.10
N ASN A 375 -16.54 1.47 -24.81
CA ASN A 375 -17.71 0.59 -24.90
C ASN A 375 -17.94 -0.08 -23.56
N PHE A 376 -19.14 -0.63 -23.39
CA PHE A 376 -19.46 -1.30 -22.16
C PHE A 376 -18.63 -2.58 -21.98
N ALA A 377 -18.19 -2.83 -20.75
CA ALA A 377 -17.53 -4.09 -20.46
C ALA A 377 -17.86 -4.47 -19.01
N GLU A 378 -17.81 -5.78 -18.76
CA GLU A 378 -17.95 -6.35 -17.44
C GLU A 378 -16.49 -6.56 -17.06
N ILE A 379 -16.02 -5.83 -16.05
CA ILE A 379 -14.63 -5.85 -15.63
C ILE A 379 -14.29 -6.86 -14.54
N ALA A 380 -13.33 -7.74 -14.82
CA ALA A 380 -12.86 -8.71 -13.85
C ALA A 380 -11.92 -7.95 -12.93
N THR A 381 -11.96 -8.26 -11.64
CA THR A 381 -11.15 -7.52 -10.69
C THR A 381 -10.00 -8.26 -9.99
N TYR A 382 -9.85 -9.56 -10.27
CA TYR A 382 -8.66 -10.32 -9.78
C TYR A 382 -8.39 -10.23 -8.28
N ASN A 383 -9.46 -10.13 -7.49
CA ASN A 383 -9.34 -10.00 -6.03
C ASN A 383 -8.42 -8.85 -5.70
N ASP A 384 -8.49 -7.80 -6.52
CA ASP A 384 -7.61 -6.66 -6.34
C ASP A 384 -8.39 -5.35 -6.24
N HIS A 385 -8.47 -4.85 -5.01
CA HIS A 385 -9.13 -3.57 -4.73
C HIS A 385 -8.82 -2.49 -5.77
N ARG A 386 -7.56 -2.37 -6.20
CA ARG A 386 -7.26 -1.31 -7.15
C ARG A 386 -7.79 -1.51 -8.55
N MET A 387 -8.01 -2.74 -8.98
CA MET A 387 -8.60 -2.94 -10.30
C MET A 387 -10.04 -2.40 -10.25
N ALA A 388 -10.76 -2.68 -9.17
CA ALA A 388 -12.13 -2.19 -9.03
C ALA A 388 -12.15 -0.65 -8.99
N MET A 389 -11.27 -0.04 -8.20
CA MET A 389 -11.29 1.40 -8.11
C MET A 389 -10.82 2.08 -9.41
N CYS A 390 -9.79 1.53 -10.05
CA CYS A 390 -9.32 2.11 -11.30
C CYS A 390 -10.39 2.06 -12.39
N PHE A 391 -11.09 0.92 -12.49
CA PHE A 391 -12.08 0.81 -13.55
C PHE A 391 -13.40 1.51 -13.28
N SER A 392 -13.60 1.94 -12.04
CA SER A 392 -14.80 2.72 -11.73
C SER A 392 -14.75 4.00 -12.58
N LEU A 393 -13.54 4.45 -12.93
CA LEU A 393 -13.40 5.69 -13.70
C LEU A 393 -13.95 5.63 -15.12
N VAL A 394 -14.15 4.40 -15.63
CA VAL A 394 -14.72 4.23 -16.96
C VAL A 394 -16.11 4.90 -17.03
N ALA A 395 -16.83 4.95 -15.89
CA ALA A 395 -18.16 5.56 -15.87
C ALA A 395 -18.17 7.08 -16.04
N LEU A 396 -16.98 7.71 -16.08
CA LEU A 396 -16.88 9.17 -16.29
C LEU A 396 -16.87 9.38 -17.79
N SER A 397 -17.78 8.70 -18.47
CA SER A 397 -17.88 8.74 -19.93
C SER A 397 -19.36 8.57 -20.26
N ASP A 398 -19.66 8.27 -21.53
CA ASP A 398 -21.06 8.07 -21.95
C ASP A 398 -21.53 6.63 -21.74
N THR A 399 -20.63 5.75 -21.27
CA THR A 399 -21.02 4.36 -21.08
C THR A 399 -20.98 3.86 -19.67
N PRO A 400 -21.95 2.99 -19.30
CA PRO A 400 -21.92 2.45 -17.94
C PRO A 400 -20.79 1.39 -17.93
N VAL A 401 -20.44 0.89 -16.75
CA VAL A 401 -19.44 -0.16 -16.64
C VAL A 401 -19.92 -1.06 -15.51
N THR A 402 -19.69 -2.37 -15.64
CA THR A 402 -20.07 -3.30 -14.59
C THR A 402 -18.77 -3.80 -13.97
N ILE A 403 -18.68 -3.69 -12.65
CA ILE A 403 -17.48 -4.09 -11.92
C ILE A 403 -17.77 -5.39 -11.14
N LEU A 404 -17.05 -6.46 -11.44
CA LEU A 404 -17.28 -7.73 -10.73
C LEU A 404 -16.65 -7.68 -9.34
N ASP A 405 -17.25 -8.36 -8.37
CA ASP A 405 -16.74 -8.43 -7.00
C ASP A 405 -16.36 -7.05 -6.46
N PRO A 406 -17.28 -6.09 -6.47
CA PRO A 406 -16.98 -4.75 -5.97
C PRO A 406 -16.50 -4.69 -4.53
N LYS A 407 -16.85 -5.69 -3.72
CA LYS A 407 -16.41 -5.67 -2.34
C LYS A 407 -14.93 -5.92 -2.15
N CYS A 408 -14.23 -6.23 -3.24
CA CYS A 408 -12.79 -6.43 -3.12
C CYS A 408 -12.14 -5.08 -2.75
N THR A 409 -12.85 -3.97 -2.90
CA THR A 409 -12.24 -2.67 -2.54
C THR A 409 -11.97 -2.61 -1.04
N ALA A 410 -12.65 -3.46 -0.27
CA ALA A 410 -12.49 -3.49 1.19
C ALA A 410 -11.06 -3.76 1.66
N LYS A 411 -10.20 -4.22 0.78
CA LYS A 411 -8.81 -4.46 1.18
C LYS A 411 -8.21 -3.19 1.80
N THR A 412 -8.50 -2.03 1.19
CA THR A 412 -8.03 -0.74 1.70
C THR A 412 -9.10 0.35 1.74
N PHE A 413 -10.31 0.10 1.22
CA PHE A 413 -11.29 1.18 1.12
C PHE A 413 -12.69 0.61 1.01
N PRO A 414 -13.23 0.10 2.11
CA PRO A 414 -14.58 -0.49 2.11
C PRO A 414 -15.67 0.41 1.55
N ASP A 415 -15.60 1.71 1.85
CA ASP A 415 -16.63 2.65 1.42
C ASP A 415 -16.36 3.34 0.08
N TYR A 416 -15.45 2.77 -0.72
CA TYR A 416 -15.12 3.38 -1.99
C TYR A 416 -16.28 3.84 -2.88
N PHE A 417 -17.23 2.95 -3.17
CA PHE A 417 -18.29 3.36 -4.10
C PHE A 417 -19.23 4.41 -3.56
N GLU A 418 -19.48 4.38 -2.25
CA GLU A 418 -20.34 5.39 -1.66
C GLU A 418 -19.61 6.74 -1.74
N GLN A 419 -18.28 6.74 -1.57
CA GLN A 419 -17.52 7.97 -1.65
C GLN A 419 -17.45 8.54 -3.09
N LEU A 420 -17.29 7.66 -4.10
CA LEU A 420 -17.27 8.08 -5.49
C LEU A 420 -18.67 8.67 -5.79
N ALA A 421 -19.70 8.02 -5.27
CA ALA A 421 -21.05 8.51 -5.50
C ALA A 421 -21.27 9.89 -4.88
N ARG A 422 -20.65 10.15 -3.73
CA ARG A 422 -20.78 11.43 -3.05
C ARG A 422 -20.38 12.60 -3.94
N ILE A 423 -19.30 12.43 -4.73
CA ILE A 423 -18.83 13.49 -5.62
C ILE A 423 -19.42 13.40 -7.04
N SER A 424 -20.22 12.35 -7.31
CA SER A 424 -20.84 12.17 -8.63
C SER A 424 -22.08 13.05 -8.75
N GLN A 425 -22.12 13.87 -9.79
CA GLN A 425 -23.22 14.81 -10.02
C GLN A 425 -23.88 14.52 -11.36
N ALA A 426 -25.17 14.83 -11.45
CA ALA A 426 -25.90 14.58 -12.69
C ALA A 426 -25.86 15.80 -13.59
N ALA A 427 -25.61 16.96 -12.97
CA ALA A 427 -25.56 18.23 -13.67
C ALA A 427 -24.28 18.99 -13.36
C1 S3P B . 3.83 -0.55 0.58
C2 S3P B . 4.89 -0.58 -0.37
C3 S3P B . 4.62 -0.90 -1.83
C4 S3P B . 3.14 -0.73 -2.21
C5 S3P B . 2.26 -1.46 -1.19
C6 S3P B . 2.48 -0.78 0.17
C7 S3P B . 4.15 -0.26 2.02
O1 S3P B . 5.12 -2.27 -2.17
O2 S3P B . 2.97 -1.23 -3.54
O3 S3P B . 0.90 -1.37 -1.56
O4 S3P B . 5.26 -0.61 2.45
O5 S3P B . 3.29 0.27 2.70
P1 S3P B . 6.49 -2.56 -3.01
O6 S3P B . 7.65 -2.08 -2.20
O7 S3P B . 6.37 -1.83 -4.30
O8 S3P B . 6.55 -4.05 -3.17
C FMT C . -1.74 -2.02 -2.64
O1 FMT C . -2.28 -1.36 -1.73
O2 FMT C . -1.95 -1.80 -3.85
C FMT D . 0.04 -4.91 -0.14
O1 FMT D . -0.25 -6.13 -0.05
O2 FMT D . 0.20 -4.16 0.86
C FMT E . -10.17 -12.19 -12.55
O1 FMT E . -10.42 -13.05 -13.45
O2 FMT E . -10.96 -11.89 -11.64
C FMT F . -17.16 7.18 -24.20
O1 FMT F . -17.86 8.07 -23.70
O2 FMT F . -16.07 7.41 -24.76
C FMT G . -7.02 -7.26 21.79
O1 FMT G . -7.81 -8.04 21.20
O2 FMT G . -7.30 -6.65 22.85
C FMT H . 8.35 -27.79 9.43
C FMT H . 8.25 -27.42 9.68
O1 FMT H . 8.78 -28.07 8.28
O1 FMT H . 9.08 -26.53 9.96
O2 FMT H . 9.11 -27.56 10.41
O2 FMT H . 7.26 -27.66 10.39
C FMT I . -10.60 3.42 21.39
O1 FMT I . -11.14 2.65 22.24
O2 FMT I . -11.12 4.52 21.06
C FMT J . -21.49 20.86 -7.53
O1 FMT J . -22.47 20.10 -7.62
O2 FMT J . -21.39 21.92 -8.20
C FMT K . 13.11 -7.81 -14.06
O1 FMT K . 12.71 -7.08 -13.13
O2 FMT K . 12.33 -8.39 -14.85
C FMT L . -8.83 16.02 -22.90
O1 FMT L . -8.85 15.11 -23.76
O2 FMT L . -8.13 17.05 -22.99
C FMT M . -15.45 21.30 -4.38
O1 FMT M . -14.26 21.04 -4.07
O2 FMT M . -15.77 22.03 -5.36
C FMT N . 12.76 -3.68 24.21
C FMT N . 12.57 -3.71 24.14
O1 FMT N . 11.95 -2.72 24.11
O1 FMT N . 12.27 -3.79 22.94
O2 FMT N . 13.39 -3.91 25.26
O2 FMT N . 12.20 -2.76 24.87
#